data_2V5Y
#
_entry.id   2V5Y
#
_cell.length_a   167.336
_cell.length_b   69.325
_cell.length_c   97.487
_cell.angle_alpha   90.00
_cell.angle_beta   113.52
_cell.angle_gamma   90.00
#
_symmetry.space_group_name_H-M   'C 1 2 1'
#
loop_
_entity.id
_entity.type
_entity.pdbx_description
1 polymer 'RECEPTOR-TYPE TYROSINE-PROTEIN PHOSPHATASE MU'
2 non-polymer 2-acetamido-2-deoxy-beta-D-glucopyranose
3 non-polymer 'SODIUM ION'
#
_entity_poly.entity_id   1
_entity_poly.type   'polypeptide(L)'
_entity_poly.pdbx_seq_one_letter_code
;ETFSGGCLFDEPYSTCGYSQSEGDDFNWEQVNTLTKPTSDPWMPSGSFMLVNASGRPEGQRAHLLLPQLKENDTHCIDFH
YFVSSKSNSPPGLLNVYVKVNNGPLGNPIWNISGDPTRTWNRAELAISTFWPNFYQVIFEVITSGHQGYLAIDEVKVLGH
PCTRTPHFLRIQNVEVNAGQFATFQCSAIGRTVAGDRLWLQGIDVRDAPLKEIKVTSSRRFIASFNVVNTTKRDAGKYRC
MIRTEGGVGISNYAELVVKEPPVPIAPPQLASVGATYLWIQLNANSINGDGPIVAREVEYCTASGSWNDRQPVDSTSYKI
GHLDPDTEYEISVLLTRPGEGGTGSPGPALRTRTKCADPMRGPRKLEVVEVKSRQITIRWEPFGYNVTRCHSYNLTVHYC
YQVGGQEQVREEVSWDTENSHPQHTITNLSPYTNVSVKLILMNPEGRKESQELIVQTDEDLPGAVPTESIQGSTFEEKIF
LQWREPTQTYGVITLYEITYKAVSSFDPEIDLSNQSGRVSKLGNETHFLFFGLYPGTTYSFTIRASTAKGFGPPATNQFT
TKISAPSMPAYELETPLNQTDNTVTVMLKPAHSRGAPVSVYQIVVEEERPRRTKKTTEILKCYPVPIHFQNASLLNSQYY
FAAEFPADSLQAAQPFTIGDNKTYNGYWNTPLLPYKSYRIYFQAASRANGETKIDCVQVATKGAATPKPVPEPEKQTDHT
VKGTKHHHHHH
;
_entity_poly.pdbx_strand_id   A
#
# COMPACT_ATOMS: atom_id res chain seq x y z
N THR A 2 -65.17 -10.29 12.14
CA THR A 2 -65.09 -8.99 12.89
C THR A 2 -64.14 -8.01 12.18
N PHE A 3 -64.12 -8.09 10.84
CA PHE A 3 -63.03 -7.54 10.03
C PHE A 3 -63.47 -6.32 9.18
N SER A 4 -64.11 -5.36 9.85
CA SER A 4 -64.73 -4.21 9.18
C SER A 4 -63.74 -3.06 8.92
N GLY A 5 -64.27 -1.91 8.50
CA GLY A 5 -63.48 -0.84 7.91
C GLY A 5 -64.00 -0.50 6.52
N GLY A 6 -64.86 -1.37 5.98
CA GLY A 6 -65.51 -1.14 4.70
C GLY A 6 -66.64 -0.14 4.82
N CYS A 7 -67.33 0.11 3.72
CA CYS A 7 -68.45 1.05 3.67
C CYS A 7 -69.24 0.96 2.36
N LEU A 8 -70.53 0.64 2.47
CA LEU A 8 -71.44 0.61 1.31
C LEU A 8 -72.12 1.96 1.09
N PHE A 9 -72.00 2.84 2.08
CA PHE A 9 -72.46 4.23 2.01
C PHE A 9 -74.00 4.37 1.99
N ASP A 10 -74.69 3.34 2.47
CA ASP A 10 -76.12 3.42 2.74
C ASP A 10 -76.31 4.13 4.08
N GLU A 11 -75.57 3.67 5.09
CA GLU A 11 -75.43 4.41 6.34
C GLU A 11 -74.54 5.60 6.07
N PRO A 12 -74.62 6.65 6.91
CA PRO A 12 -73.63 7.72 6.77
C PRO A 12 -72.21 7.18 6.97
N TYR A 13 -71.25 7.74 6.24
CA TYR A 13 -69.89 7.21 6.25
C TYR A 13 -69.20 7.33 7.61
N SER A 14 -69.67 8.26 8.44
CA SER A 14 -69.24 8.35 9.83
C SER A 14 -69.33 6.98 10.49
N THR A 15 -70.45 6.30 10.23
CA THR A 15 -70.71 4.96 10.74
C THR A 15 -69.60 3.95 10.41
N CYS A 16 -68.98 4.09 9.25
CA CYS A 16 -67.94 3.18 8.78
C CYS A 16 -66.54 3.49 9.36
N GLY A 17 -66.42 4.61 10.06
CA GLY A 17 -65.13 5.05 10.61
C GLY A 17 -64.43 6.06 9.72
N TYR A 18 -65.16 6.62 8.75
CA TYR A 18 -64.58 7.49 7.73
C TYR A 18 -64.65 8.95 8.16
N SER A 19 -63.78 9.77 7.58
CA SER A 19 -63.65 11.17 7.97
C SER A 19 -63.02 11.99 6.85
N GLN A 20 -62.99 13.32 7.03
CA GLN A 20 -62.47 14.23 6.02
C GLN A 20 -61.28 14.99 6.60
N SER A 21 -60.17 15.04 5.86
CA SER A 21 -58.99 15.78 6.30
C SER A 21 -59.25 17.28 6.12
N GLU A 22 -59.93 17.88 7.10
CA GLU A 22 -60.46 19.25 6.99
C GLU A 22 -59.40 20.34 6.76
N GLY A 23 -58.12 19.95 6.76
CA GLY A 23 -57.03 20.87 6.43
C GLY A 23 -56.61 20.88 4.96
N ASP A 24 -57.49 20.40 4.07
CA ASP A 24 -57.27 20.44 2.62
C ASP A 24 -58.19 21.50 1.98
N ASP A 25 -58.57 21.32 0.72
CA ASP A 25 -59.30 22.37 -0.04
C ASP A 25 -60.84 22.27 0.00
N PHE A 26 -61.39 21.10 -0.32
CA PHE A 26 -62.85 20.86 -0.19
C PHE A 26 -63.16 19.45 0.34
N ASN A 27 -64.45 19.13 0.50
CA ASN A 27 -64.89 17.82 1.02
C ASN A 27 -65.60 16.94 0.00
N TRP A 28 -65.49 15.63 0.17
CA TRP A 28 -66.27 14.66 -0.60
C TRP A 28 -67.71 14.78 -0.19
N GLU A 29 -68.62 14.40 -1.07
CA GLU A 29 -70.06 14.39 -0.80
C GLU A 29 -70.51 12.96 -0.53
N GLN A 30 -71.61 12.79 0.20
CA GLN A 30 -72.27 11.48 0.30
C GLN A 30 -73.65 11.57 -0.33
N VAL A 31 -73.97 10.58 -1.18
CA VAL A 31 -75.12 10.65 -2.06
C VAL A 31 -75.95 9.37 -1.99
N ASN A 32 -77.27 9.51 -2.18
CA ASN A 32 -78.14 8.38 -2.43
C ASN A 32 -79.15 8.69 -3.52
N THR A 33 -78.90 8.17 -4.71
CA THR A 33 -79.72 8.46 -5.89
C THR A 33 -81.04 7.71 -5.91
N LEU A 34 -81.12 6.59 -5.18
CA LEU A 34 -82.37 5.83 -5.08
C LEU A 34 -83.17 6.18 -3.82
N THR A 35 -82.98 7.41 -3.32
CA THR A 35 -83.93 8.06 -2.39
C THR A 35 -84.22 9.46 -2.93
N LYS A 36 -83.16 10.20 -3.25
CA LYS A 36 -83.24 11.45 -3.99
C LYS A 36 -82.76 11.22 -5.44
N PRO A 37 -83.69 10.99 -6.40
CA PRO A 37 -83.29 10.76 -7.80
C PRO A 37 -82.74 12.01 -8.51
N THR A 38 -82.19 11.83 -9.71
CA THR A 38 -81.50 12.92 -10.40
C THR A 38 -81.59 12.82 -11.93
N SER A 39 -81.74 13.97 -12.58
CA SER A 39 -81.77 14.05 -14.05
C SER A 39 -80.37 13.92 -14.65
N ASP A 40 -79.35 14.25 -13.85
CA ASP A 40 -77.97 14.34 -14.30
C ASP A 40 -77.51 13.08 -15.04
N PRO A 41 -77.18 13.20 -16.34
CA PRO A 41 -76.79 12.03 -17.16
C PRO A 41 -75.51 11.33 -16.73
N TRP A 42 -74.59 12.09 -16.14
CA TRP A 42 -73.25 11.58 -15.82
C TRP A 42 -73.15 11.09 -14.37
N MET A 43 -74.29 10.73 -13.78
CA MET A 43 -74.38 10.24 -12.41
C MET A 43 -74.95 8.83 -12.45
N PRO A 44 -74.31 7.86 -11.77
CA PRO A 44 -74.85 6.50 -11.70
C PRO A 44 -75.82 6.34 -10.53
N SER A 45 -76.56 5.23 -10.52
CA SER A 45 -77.55 4.96 -9.48
C SER A 45 -76.87 4.32 -8.25
N GLY A 46 -77.47 4.52 -7.08
CA GLY A 46 -77.03 3.87 -5.84
C GLY A 46 -76.58 4.80 -4.74
N SER A 47 -75.68 4.29 -3.88
CA SER A 47 -75.24 4.94 -2.66
C SER A 47 -73.72 5.00 -2.62
N PHE A 48 -73.16 6.20 -2.71
CA PHE A 48 -71.72 6.36 -2.87
C PHE A 48 -71.21 7.69 -2.33
N MET A 49 -69.89 7.87 -2.38
CA MET A 49 -69.25 9.13 -2.02
C MET A 49 -68.84 9.84 -3.30
N LEU A 50 -69.26 11.10 -3.45
CA LEU A 50 -69.00 11.84 -4.68
C LEU A 50 -68.02 13.00 -4.49
N VAL A 51 -67.23 13.24 -5.53
CA VAL A 51 -66.50 14.49 -5.69
C VAL A 51 -66.99 15.15 -6.97
N ASN A 52 -67.58 16.32 -6.82
CA ASN A 52 -68.08 17.11 -7.94
C ASN A 52 -67.02 18.14 -8.34
N ALA A 53 -66.18 17.75 -9.30
CA ALA A 53 -65.11 18.62 -9.80
C ALA A 53 -65.64 19.75 -10.67
N SER A 54 -66.96 19.79 -10.87
CA SER A 54 -67.59 20.78 -11.71
C SER A 54 -67.54 22.16 -11.08
N GLY A 55 -67.03 23.13 -11.84
CA GLY A 55 -66.85 24.49 -11.37
C GLY A 55 -65.58 24.68 -10.56
N ARG A 56 -64.79 23.62 -10.41
CA ARG A 56 -63.61 23.67 -9.56
C ARG A 56 -62.34 23.93 -10.39
N PRO A 57 -61.40 24.74 -9.87
CA PRO A 57 -60.16 24.99 -10.58
C PRO A 57 -59.17 23.83 -10.48
N GLU A 58 -58.10 23.86 -11.28
CA GLU A 58 -57.08 22.81 -11.24
C GLU A 58 -56.30 22.86 -9.94
N GLY A 59 -55.83 21.71 -9.47
CA GLY A 59 -54.95 21.64 -8.32
C GLY A 59 -55.68 21.39 -7.01
N GLN A 60 -56.92 21.87 -6.91
CA GLN A 60 -57.72 21.72 -5.68
C GLN A 60 -57.94 20.24 -5.36
N ARG A 61 -57.68 19.85 -4.11
CA ARG A 61 -57.76 18.43 -3.71
C ARG A 61 -58.61 18.17 -2.48
N ALA A 62 -59.26 17.00 -2.44
CA ALA A 62 -60.13 16.60 -1.32
C ALA A 62 -59.77 15.19 -0.84
N HIS A 63 -59.72 15.02 0.47
CA HIS A 63 -59.25 13.78 1.07
C HIS A 63 -60.34 13.08 1.86
N LEU A 64 -60.36 11.76 1.82
CA LEU A 64 -61.36 10.92 2.50
C LEU A 64 -60.70 9.67 3.08
N LEU A 65 -60.70 9.57 4.41
CA LEU A 65 -59.89 8.60 5.11
C LEU A 65 -60.72 7.46 5.63
N LEU A 66 -60.25 6.23 5.39
CA LEU A 66 -60.75 5.07 6.12
C LEU A 66 -60.30 5.19 7.57
N PRO A 67 -60.86 4.36 8.47
CA PRO A 67 -60.30 4.31 9.81
C PRO A 67 -58.97 3.56 9.78
N GLN A 68 -58.27 3.57 10.91
CA GLN A 68 -56.96 2.96 10.99
C GLN A 68 -57.10 1.50 11.31
N LEU A 69 -56.54 0.64 10.48
CA LEU A 69 -56.62 -0.80 10.69
C LEU A 69 -55.35 -1.33 11.36
N LYS A 70 -55.51 -2.42 12.11
CA LYS A 70 -54.47 -2.89 13.03
C LYS A 70 -54.59 -4.41 13.14
N GLU A 71 -54.48 -5.07 12.00
CA GLU A 71 -54.85 -6.48 11.88
C GLU A 71 -53.69 -7.45 12.13
N ASN A 72 -54.02 -8.73 12.26
CA ASN A 72 -53.04 -9.81 12.43
C ASN A 72 -53.04 -10.75 11.23
N ASP A 73 -54.21 -11.21 10.83
CA ASP A 73 -54.36 -12.12 9.70
C ASP A 73 -54.24 -11.37 8.38
N THR A 74 -53.87 -12.10 7.33
CA THR A 74 -53.86 -11.57 5.96
C THR A 74 -55.27 -11.14 5.59
N HIS A 75 -55.41 -9.91 5.09
CA HIS A 75 -56.69 -9.40 4.67
C HIS A 75 -56.53 -8.73 3.31
N CYS A 76 -57.62 -8.23 2.76
CA CYS A 76 -57.60 -7.59 1.45
C CYS A 76 -58.67 -6.52 1.39
N ILE A 77 -58.28 -5.30 1.05
CA ILE A 77 -59.23 -4.20 0.89
C ILE A 77 -59.60 -4.11 -0.57
N ASP A 78 -60.89 -3.96 -0.87
CA ASP A 78 -61.32 -3.69 -2.24
C ASP A 78 -62.43 -2.67 -2.30
N PHE A 79 -62.45 -1.89 -3.38
CA PHE A 79 -63.43 -0.84 -3.56
C PHE A 79 -63.81 -0.71 -5.06
N HIS A 80 -64.87 0.05 -5.33
CA HIS A 80 -65.32 0.33 -6.69
C HIS A 80 -65.24 1.83 -6.94
N TYR A 81 -64.83 2.22 -8.14
CA TYR A 81 -64.76 3.64 -8.50
C TYR A 81 -65.43 3.93 -9.84
N PHE A 82 -65.69 5.22 -10.08
CA PHE A 82 -66.45 5.68 -11.23
C PHE A 82 -66.01 7.10 -11.61
N VAL A 83 -65.80 7.34 -12.91
CA VAL A 83 -65.44 8.68 -13.39
C VAL A 83 -66.32 9.09 -14.58
N SER A 84 -66.73 10.36 -14.61
CA SER A 84 -67.54 10.87 -15.72
C SER A 84 -67.34 12.36 -16.02
N SER A 85 -67.14 12.64 -17.30
CA SER A 85 -67.42 13.92 -17.94
C SER A 85 -68.41 13.47 -19.00
N LYS A 86 -69.28 14.32 -19.58
CA LYS A 86 -69.34 15.79 -19.57
C LYS A 86 -68.65 16.25 -20.85
N SER A 87 -67.42 16.78 -20.75
CA SER A 87 -66.56 16.90 -21.93
C SER A 87 -66.22 15.44 -22.31
N ASN A 88 -64.96 15.07 -22.30
CA ASN A 88 -64.59 13.68 -22.02
C ASN A 88 -63.24 13.64 -21.36
N SER A 89 -62.92 14.71 -20.64
CA SER A 89 -61.60 14.90 -20.08
C SER A 89 -61.64 14.54 -18.61
N PRO A 90 -60.47 14.18 -18.04
CA PRO A 90 -60.49 13.76 -16.66
C PRO A 90 -60.87 14.92 -15.77
N PRO A 91 -61.95 14.78 -14.99
CA PRO A 91 -62.32 15.82 -14.04
C PRO A 91 -61.29 15.95 -12.92
N GLY A 92 -60.52 14.90 -12.72
CA GLY A 92 -59.46 14.91 -11.74
C GLY A 92 -58.80 13.55 -11.63
N LEU A 93 -57.64 13.52 -10.98
CA LEU A 93 -56.95 12.28 -10.70
C LEU A 93 -57.55 11.70 -9.43
N LEU A 94 -57.44 10.39 -9.29
CA LEU A 94 -57.78 9.70 -8.05
C LEU A 94 -56.52 9.05 -7.52
N ASN A 95 -56.08 9.46 -6.33
CA ASN A 95 -54.95 8.83 -5.64
C ASN A 95 -55.40 8.07 -4.41
N VAL A 96 -54.66 7.01 -4.10
CA VAL A 96 -54.82 6.31 -2.85
C VAL A 96 -53.46 6.28 -2.13
N TYR A 97 -53.44 6.76 -0.89
CA TYR A 97 -52.23 6.72 -0.07
C TYR A 97 -52.42 5.70 1.03
N VAL A 98 -51.32 5.23 1.59
CA VAL A 98 -51.35 4.35 2.75
C VAL A 98 -50.40 4.88 3.80
N LYS A 99 -50.94 5.70 4.69
CA LYS A 99 -50.20 6.30 5.80
C LYS A 99 -50.05 5.27 6.90
N VAL A 100 -48.81 4.98 7.31
CA VAL A 100 -48.56 3.95 8.32
C VAL A 100 -48.00 4.54 9.63
N ASN A 101 -48.51 4.00 10.74
CA ASN A 101 -48.20 4.46 12.10
C ASN A 101 -48.34 5.97 12.28
N ASN A 102 -49.41 6.53 11.73
CA ASN A 102 -49.63 7.98 11.73
C ASN A 102 -48.35 8.77 11.41
N GLY A 103 -47.61 8.28 10.43
CA GLY A 103 -46.43 8.96 9.93
C GLY A 103 -46.80 9.79 8.74
N PRO A 104 -45.85 10.03 7.83
CA PRO A 104 -46.14 10.85 6.66
C PRO A 104 -47.10 10.16 5.70
N LEU A 105 -47.89 10.95 4.99
CA LEU A 105 -48.83 10.47 3.97
C LEU A 105 -48.17 9.50 3.00
N GLY A 106 -46.88 9.70 2.72
CA GLY A 106 -46.14 8.83 1.81
C GLY A 106 -46.57 9.07 0.39
N ASN A 107 -45.89 8.43 -0.56
CA ASN A 107 -46.33 8.53 -1.95
C ASN A 107 -47.58 7.70 -2.18
N PRO A 108 -48.32 8.00 -3.25
CA PRO A 108 -49.55 7.24 -3.47
C PRO A 108 -49.24 5.84 -3.96
N ILE A 109 -50.04 4.86 -3.55
CA ILE A 109 -49.82 3.47 -3.92
C ILE A 109 -50.67 3.04 -5.13
N TRP A 110 -51.67 3.84 -5.46
CA TRP A 110 -52.59 3.49 -6.55
C TRP A 110 -53.20 4.77 -7.07
N ASN A 111 -53.54 4.77 -8.36
CA ASN A 111 -54.10 5.94 -9.00
C ASN A 111 -54.56 5.69 -10.42
N ILE A 112 -55.67 6.33 -10.79
CA ILE A 112 -56.11 6.40 -12.18
C ILE A 112 -56.09 7.88 -12.59
N SER A 113 -55.95 8.14 -13.88
CA SER A 113 -55.55 9.47 -14.37
C SER A 113 -56.55 10.64 -14.30
N GLY A 114 -57.87 10.41 -14.30
CA GLY A 114 -58.52 9.16 -14.63
C GLY A 114 -59.63 9.52 -15.59
N ASP A 115 -59.48 9.10 -16.84
CA ASP A 115 -60.43 9.46 -17.89
C ASP A 115 -61.80 8.84 -17.63
N PRO A 116 -62.87 9.55 -18.02
CA PRO A 116 -64.24 9.05 -17.96
C PRO A 116 -64.42 7.67 -18.57
N THR A 117 -65.39 6.93 -18.05
CA THR A 117 -65.80 5.64 -18.65
C THR A 117 -67.27 5.31 -18.39
N ARG A 118 -67.99 6.18 -17.69
CA ARG A 118 -69.34 5.89 -17.21
C ARG A 118 -69.54 4.40 -16.87
N THR A 119 -68.57 3.80 -16.18
CA THR A 119 -68.68 2.41 -15.72
C THR A 119 -67.88 2.21 -14.44
N TRP A 120 -68.41 1.36 -13.55
CA TRP A 120 -67.72 1.05 -12.28
C TRP A 120 -66.55 0.11 -12.50
N ASN A 121 -65.62 0.12 -11.54
CA ASN A 121 -64.39 -0.66 -11.64
C ASN A 121 -63.93 -1.15 -10.28
N ARG A 122 -63.70 -2.45 -10.16
CA ARG A 122 -63.13 -3.01 -8.94
C ARG A 122 -61.65 -2.68 -8.86
N ALA A 123 -61.14 -2.64 -7.64
CA ALA A 123 -59.72 -2.44 -7.39
C ALA A 123 -59.45 -2.89 -5.97
N GLU A 124 -58.44 -3.75 -5.79
CA GLU A 124 -58.11 -4.25 -4.48
C GLU A 124 -56.68 -3.88 -4.10
N LEU A 125 -56.42 -3.94 -2.79
CA LEU A 125 -55.18 -3.52 -2.19
C LEU A 125 -54.71 -4.60 -1.24
N ALA A 126 -53.45 -5.06 -1.40
CA ALA A 126 -52.89 -6.09 -0.54
C ALA A 126 -51.81 -5.50 0.35
N ILE A 127 -52.24 -4.83 1.41
CA ILE A 127 -51.35 -4.09 2.32
C ILE A 127 -50.78 -5.02 3.42
N SER A 128 -49.46 -5.14 3.44
CA SER A 128 -48.77 -6.03 4.39
C SER A 128 -48.18 -5.25 5.57
N THR A 129 -49.07 -4.66 6.37
CA THR A 129 -48.71 -3.89 7.58
C THR A 129 -49.66 -4.25 8.72
N PHE A 130 -49.12 -4.93 9.72
CA PHE A 130 -49.94 -5.61 10.72
C PHE A 130 -49.72 -5.10 12.13
N TRP A 131 -50.64 -5.43 13.02
CA TRP A 131 -50.43 -5.25 14.45
C TRP A 131 -49.02 -5.72 14.79
N PRO A 132 -48.31 -5.01 15.69
CA PRO A 132 -48.69 -3.82 16.44
C PRO A 132 -48.66 -2.52 15.64
N ASN A 133 -48.20 -2.57 14.39
CA ASN A 133 -48.29 -1.43 13.49
C ASN A 133 -49.70 -1.26 12.99
N PHE A 134 -49.99 -0.10 12.43
CA PHE A 134 -51.30 0.21 11.88
C PHE A 134 -51.19 1.13 10.68
N TYR A 135 -52.23 1.17 9.84
CA TYR A 135 -52.22 2.04 8.67
C TYR A 135 -53.57 2.65 8.33
N GLN A 136 -53.52 3.77 7.61
CA GLN A 136 -54.71 4.48 7.19
C GLN A 136 -54.75 4.59 5.66
N VAL A 137 -55.79 4.05 5.03
CA VAL A 137 -55.99 4.25 3.60
C VAL A 137 -56.62 5.61 3.42
N ILE A 138 -56.20 6.34 2.38
CA ILE A 138 -56.73 7.66 2.12
C ILE A 138 -56.99 7.85 0.62
N PHE A 139 -58.22 8.23 0.30
CA PHE A 139 -58.62 8.49 -1.07
C PHE A 139 -58.47 9.97 -1.31
N GLU A 140 -57.69 10.34 -2.31
CA GLU A 140 -57.53 11.73 -2.71
C GLU A 140 -57.95 11.92 -4.17
N VAL A 141 -58.73 12.98 -4.42
CA VAL A 141 -58.99 13.45 -5.77
C VAL A 141 -58.26 14.77 -5.92
N ILE A 142 -57.53 14.94 -7.02
CA ILE A 142 -56.99 16.26 -7.39
C ILE A 142 -57.70 16.71 -8.66
N THR A 143 -58.35 17.87 -8.61
CA THR A 143 -59.14 18.39 -9.73
C THR A 143 -58.26 18.82 -10.88
N SER A 144 -58.73 18.57 -12.11
CA SER A 144 -57.98 18.91 -13.31
C SER A 144 -58.25 20.33 -13.78
N GLY A 145 -59.32 20.94 -13.26
CA GLY A 145 -59.83 22.21 -13.77
C GLY A 145 -61.08 22.00 -14.61
N HIS A 146 -61.33 20.75 -15.00
CA HIS A 146 -62.45 20.42 -15.88
C HIS A 146 -63.66 19.93 -15.08
N GLN A 147 -64.76 19.62 -15.78
CA GLN A 147 -66.12 19.71 -15.19
C GLN A 147 -66.87 18.37 -15.15
N GLY A 148 -66.35 17.42 -14.40
CA GLY A 148 -66.96 16.08 -14.29
C GLY A 148 -67.16 15.57 -12.86
N TYR A 149 -67.45 14.27 -12.74
CA TYR A 149 -67.73 13.61 -11.45
C TYR A 149 -66.75 12.48 -11.20
N LEU A 150 -66.49 12.20 -9.92
CA LEU A 150 -65.61 11.11 -9.50
C LEU A 150 -66.16 10.46 -8.24
N ALA A 151 -66.30 9.12 -8.25
CA ALA A 151 -67.05 8.41 -7.20
C ALA A 151 -66.40 7.13 -6.63
N ILE A 152 -66.72 6.86 -5.37
CA ILE A 152 -66.32 5.64 -4.64
C ILE A 152 -67.58 5.02 -4.00
N ASP A 153 -67.73 3.70 -4.03
CA ASP A 153 -69.06 3.10 -3.78
C ASP A 153 -69.17 1.87 -2.88
N GLU A 154 -68.18 0.97 -2.85
CA GLU A 154 -68.22 -0.09 -1.85
C GLU A 154 -66.86 -0.58 -1.40
N VAL A 155 -66.28 0.17 -0.47
CA VAL A 155 -65.07 -0.21 0.23
C VAL A 155 -65.36 -1.46 1.04
N LYS A 156 -64.52 -2.48 0.92
CA LYS A 156 -64.72 -3.74 1.64
C LYS A 156 -63.40 -4.31 2.16
N VAL A 157 -63.22 -4.25 3.49
CA VAL A 157 -62.10 -4.91 4.15
C VAL A 157 -62.51 -6.35 4.36
N LEU A 158 -61.66 -7.29 3.97
CA LEU A 158 -62.02 -8.70 4.02
C LEU A 158 -60.89 -9.53 4.62
N GLY A 159 -61.23 -10.33 5.63
CA GLY A 159 -60.28 -11.19 6.31
C GLY A 159 -59.90 -12.43 5.51
N HIS A 160 -59.35 -12.21 4.33
CA HIS A 160 -58.72 -13.28 3.54
C HIS A 160 -57.78 -12.62 2.55
N PRO A 161 -56.94 -13.41 1.86
CA PRO A 161 -56.07 -12.81 0.85
C PRO A 161 -56.85 -12.26 -0.34
N CYS A 162 -56.31 -11.23 -0.98
CA CYS A 162 -56.82 -10.75 -2.28
C CYS A 162 -56.82 -11.88 -3.31
N THR A 163 -57.60 -11.71 -4.37
CA THR A 163 -57.76 -12.76 -5.38
C THR A 163 -57.02 -12.43 -6.66
N ARG A 164 -56.83 -11.14 -6.94
CA ARG A 164 -56.22 -10.67 -8.17
C ARG A 164 -54.88 -9.95 -7.96
N THR A 165 -54.42 -9.88 -6.72
CA THR A 165 -53.15 -9.26 -6.38
C THR A 165 -52.39 -10.16 -5.43
N PRO A 166 -51.06 -10.26 -5.58
CA PRO A 166 -50.29 -11.04 -4.65
C PRO A 166 -50.04 -10.30 -3.35
N HIS A 167 -49.44 -11.01 -2.41
CA HIS A 167 -49.12 -10.45 -1.10
C HIS A 167 -47.63 -10.56 -0.85
N PHE A 168 -47.05 -9.50 -0.29
CA PHE A 168 -45.62 -9.49 0.05
C PHE A 168 -45.42 -9.95 1.49
N LEU A 169 -44.43 -10.84 1.68
CA LEU A 169 -44.05 -11.26 3.01
C LEU A 169 -43.23 -10.14 3.63
N ARG A 170 -43.31 -10.03 4.95
CA ARG A 170 -42.62 -8.99 5.69
C ARG A 170 -41.16 -8.93 5.32
N ILE A 171 -40.76 -7.79 4.74
CA ILE A 171 -39.38 -7.48 4.37
C ILE A 171 -38.66 -6.80 5.55
N GLN A 172 -37.46 -7.31 5.89
CA GLN A 172 -36.67 -6.79 7.02
C GLN A 172 -35.76 -5.66 6.56
N ASN A 173 -35.28 -4.87 7.52
CA ASN A 173 -34.33 -3.77 7.27
C ASN A 173 -33.06 -4.23 6.57
N VAL A 174 -32.45 -3.33 5.80
CA VAL A 174 -31.20 -3.61 5.09
C VAL A 174 -30.11 -2.61 5.47
N GLU A 175 -28.95 -3.14 5.86
CA GLU A 175 -27.75 -2.33 6.06
C GLU A 175 -26.84 -2.47 4.84
N VAL A 176 -26.16 -1.38 4.48
CA VAL A 176 -25.27 -1.39 3.32
C VAL A 176 -24.15 -0.35 3.48
N ASN A 177 -22.98 -0.69 2.95
CA ASN A 177 -21.85 0.24 2.94
C ASN A 177 -21.94 1.21 1.76
N ALA A 178 -21.77 2.50 2.04
CA ALA A 178 -21.86 3.54 1.00
C ALA A 178 -20.92 3.22 -0.15
N GLY A 179 -21.33 3.57 -1.37
CA GLY A 179 -20.55 3.21 -2.55
C GLY A 179 -21.05 1.93 -3.18
N GLN A 180 -21.22 0.88 -2.38
CA GLN A 180 -21.82 -0.38 -2.85
C GLN A 180 -23.33 -0.21 -3.01
N PHE A 181 -23.97 -1.14 -3.70
CA PHE A 181 -25.42 -1.12 -3.87
C PHE A 181 -26.10 -1.98 -2.84
N ALA A 182 -27.34 -1.65 -2.51
CA ALA A 182 -28.19 -2.43 -1.59
C ALA A 182 -29.24 -3.17 -2.40
N THR A 183 -29.77 -4.26 -1.85
CA THR A 183 -30.77 -5.07 -2.52
C THR A 183 -31.95 -5.36 -1.61
N PHE A 184 -33.16 -5.11 -2.12
CA PHE A 184 -34.39 -5.47 -1.43
C PHE A 184 -34.99 -6.71 -2.08
N GLN A 185 -34.98 -7.81 -1.33
CA GLN A 185 -35.56 -9.08 -1.73
C GLN A 185 -36.98 -9.14 -1.20
N CYS A 186 -37.97 -9.07 -2.10
CA CYS A 186 -39.37 -9.14 -1.68
C CYS A 186 -39.90 -10.53 -1.98
N SER A 187 -40.19 -11.30 -0.93
CA SER A 187 -40.94 -12.55 -1.07
C SER A 187 -42.42 -12.25 -1.24
N ALA A 188 -43.06 -12.95 -2.17
CA ALA A 188 -44.48 -12.74 -2.44
C ALA A 188 -45.24 -14.05 -2.46
N ILE A 189 -46.55 -13.95 -2.27
CA ILE A 189 -47.42 -15.13 -2.22
C ILE A 189 -48.67 -14.86 -3.07
N GLY A 190 -48.67 -15.44 -4.27
CA GLY A 190 -49.68 -15.18 -5.28
C GLY A 190 -49.09 -15.39 -6.67
N ARG A 191 -49.83 -15.01 -7.70
CA ARG A 191 -49.36 -15.11 -9.07
C ARG A 191 -49.05 -13.71 -9.58
N THR A 192 -47.97 -13.60 -10.36
CA THR A 192 -47.66 -12.37 -11.07
C THR A 192 -47.63 -12.69 -12.55
N VAL A 193 -48.08 -11.75 -13.37
CA VAL A 193 -48.20 -11.97 -14.81
C VAL A 193 -47.35 -10.98 -15.60
N ALA A 194 -47.39 -11.11 -16.92
CA ALA A 194 -46.57 -10.30 -17.82
C ALA A 194 -46.83 -8.81 -17.66
N GLY A 195 -48.10 -8.42 -17.62
CA GLY A 195 -48.46 -7.00 -17.52
C GLY A 195 -48.08 -6.26 -16.24
N ASP A 196 -47.81 -6.98 -15.16
CA ASP A 196 -47.71 -6.38 -13.83
C ASP A 196 -46.51 -5.45 -13.68
N ARG A 197 -46.74 -4.28 -13.11
CA ARG A 197 -45.69 -3.28 -12.83
C ARG A 197 -45.14 -3.50 -11.42
N LEU A 198 -43.81 -3.48 -11.29
CA LEU A 198 -43.13 -3.76 -10.02
C LEU A 198 -42.05 -2.74 -9.72
N TRP A 199 -42.03 -2.25 -8.48
CA TRP A 199 -41.00 -1.29 -8.07
C TRP A 199 -40.88 -1.20 -6.55
N LEU A 200 -39.91 -0.42 -6.09
CA LEU A 200 -39.63 -0.19 -4.67
C LEU A 200 -39.92 1.27 -4.36
N GLN A 201 -40.92 1.52 -3.52
CA GLN A 201 -41.36 2.88 -3.21
C GLN A 201 -40.76 3.33 -1.89
N GLY A 202 -40.40 4.61 -1.81
CA GLY A 202 -39.91 5.19 -0.57
C GLY A 202 -40.58 6.51 -0.26
N ILE A 203 -40.50 6.94 1.00
CA ILE A 203 -40.93 8.30 1.37
C ILE A 203 -39.69 9.20 1.42
N ASP A 204 -39.78 10.33 0.73
CA ASP A 204 -38.67 11.29 0.64
C ASP A 204 -37.34 10.68 0.15
N VAL A 205 -37.42 9.75 -0.81
CA VAL A 205 -36.23 9.24 -1.51
C VAL A 205 -36.59 8.70 -2.89
N ARG A 206 -35.61 8.66 -3.79
CA ARG A 206 -35.79 8.10 -5.12
C ARG A 206 -36.29 6.66 -5.06
N ASP A 207 -37.36 6.38 -5.79
CA ASP A 207 -37.84 5.01 -5.93
C ASP A 207 -36.86 4.23 -6.82
N ALA A 208 -36.67 2.95 -6.54
CA ALA A 208 -35.86 2.08 -7.40
C ALA A 208 -36.75 1.14 -8.23
N PRO A 209 -36.24 0.65 -9.38
CA PRO A 209 -36.99 -0.24 -10.25
C PRO A 209 -36.70 -1.73 -10.02
N LEU A 210 -37.55 -2.58 -10.59
CA LEU A 210 -37.38 -4.04 -10.51
C LEU A 210 -36.05 -4.45 -11.15
N LYS A 211 -35.24 -5.18 -10.39
CA LYS A 211 -33.99 -5.71 -10.92
C LYS A 211 -34.26 -7.06 -11.58
N GLU A 212 -34.78 -8.01 -10.81
CA GLU A 212 -35.24 -9.28 -11.36
C GLU A 212 -36.38 -9.87 -10.56
N ILE A 213 -37.03 -10.86 -11.16
CA ILE A 213 -38.14 -11.59 -10.56
C ILE A 213 -37.91 -13.08 -10.76
N LYS A 214 -38.06 -13.87 -9.69
CA LYS A 214 -37.89 -15.33 -9.76
C LYS A 214 -39.16 -16.05 -9.32
N VAL A 215 -39.81 -16.73 -10.27
CA VAL A 215 -41.09 -17.40 -10.06
C VAL A 215 -40.87 -18.85 -9.64
N THR A 216 -40.98 -19.08 -8.34
CA THR A 216 -40.82 -20.41 -7.74
C THR A 216 -42.03 -21.29 -8.07
N SER A 217 -43.22 -20.70 -8.15
CA SER A 217 -44.44 -21.42 -8.53
C SER A 217 -45.61 -20.48 -8.84
N SER A 218 -46.74 -21.07 -9.23
CA SER A 218 -48.00 -20.35 -9.36
C SER A 218 -48.39 -19.67 -8.04
N ARG A 219 -47.86 -20.18 -6.93
CA ARG A 219 -48.23 -19.71 -5.61
C ARG A 219 -47.27 -18.67 -5.03
N ARG A 220 -46.02 -18.62 -5.49
CA ARG A 220 -45.07 -17.66 -4.91
C ARG A 220 -43.82 -17.31 -5.74
N PHE A 221 -43.37 -16.07 -5.57
CA PHE A 221 -42.23 -15.52 -6.31
C PHE A 221 -41.35 -14.60 -5.47
N ILE A 222 -40.19 -14.24 -6.01
CA ILE A 222 -39.25 -13.33 -5.35
C ILE A 222 -38.80 -12.24 -6.32
N ALA A 223 -39.12 -10.98 -5.98
CA ALA A 223 -38.70 -9.82 -6.76
C ALA A 223 -37.56 -9.11 -6.05
N SER A 224 -36.48 -8.82 -6.78
CA SER A 224 -35.33 -8.12 -6.22
C SER A 224 -35.27 -6.68 -6.73
N PHE A 225 -34.85 -5.77 -5.87
CA PHE A 225 -34.74 -4.35 -6.20
C PHE A 225 -33.45 -3.79 -5.65
N ASN A 226 -32.67 -3.13 -6.51
CA ASN A 226 -31.38 -2.59 -6.09
C ASN A 226 -31.34 -1.07 -6.04
N VAL A 227 -30.93 -0.55 -4.89
CA VAL A 227 -30.57 0.86 -4.75
C VAL A 227 -29.06 0.95 -5.01
N VAL A 228 -28.68 1.75 -6.01
CA VAL A 228 -27.35 1.70 -6.60
C VAL A 228 -26.46 2.86 -6.15
N ASN A 229 -25.14 2.63 -6.14
CA ASN A 229 -24.15 3.63 -5.72
C ASN A 229 -24.66 4.48 -4.55
N THR A 230 -24.90 3.83 -3.41
CA THR A 230 -25.63 4.44 -2.30
C THR A 230 -24.83 5.48 -1.51
N THR A 231 -25.54 6.47 -1.01
CA THR A 231 -24.98 7.50 -0.13
C THR A 231 -25.87 7.58 1.10
N LYS A 232 -25.51 8.44 2.05
CA LYS A 232 -26.37 8.69 3.21
C LYS A 232 -27.67 9.37 2.81
N ARG A 233 -27.67 10.08 1.68
CA ARG A 233 -28.89 10.68 1.15
C ARG A 233 -29.90 9.64 0.64
N ASP A 234 -29.44 8.40 0.41
CA ASP A 234 -30.35 7.30 0.04
C ASP A 234 -31.04 6.67 1.26
N ALA A 235 -30.38 6.73 2.42
CA ALA A 235 -30.88 6.07 3.63
C ALA A 235 -32.27 6.57 3.99
N GLY A 236 -33.20 5.64 4.27
CA GLY A 236 -34.59 5.99 4.60
C GLY A 236 -35.52 4.80 4.66
N LYS A 237 -36.82 5.05 4.52
CA LYS A 237 -37.85 3.99 4.50
C LYS A 237 -38.27 3.61 3.06
N TYR A 238 -38.41 2.31 2.81
CA TYR A 238 -38.78 1.78 1.49
C TYR A 238 -39.78 0.65 1.63
N ARG A 239 -40.62 0.46 0.62
CA ARG A 239 -41.49 -0.72 0.56
C ARG A 239 -41.67 -1.22 -0.87
N CYS A 240 -41.85 -2.53 -1.04
CA CYS A 240 -42.03 -3.13 -2.36
C CYS A 240 -43.42 -2.85 -2.90
N MET A 241 -43.52 -2.79 -4.22
CA MET A 241 -44.79 -2.53 -4.89
C MET A 241 -44.99 -3.49 -6.04
N ILE A 242 -46.24 -3.87 -6.24
CA ILE A 242 -46.66 -4.57 -7.45
C ILE A 242 -48.04 -4.09 -7.82
N ARG A 243 -48.21 -3.70 -9.08
CA ARG A 243 -49.52 -3.35 -9.60
C ARG A 243 -49.92 -4.33 -10.68
N THR A 244 -51.12 -4.88 -10.52
CA THR A 244 -51.68 -5.87 -11.44
C THR A 244 -52.95 -5.29 -12.02
N GLU A 245 -53.46 -5.89 -13.09
CA GLU A 245 -54.58 -5.30 -13.83
C GLU A 245 -55.79 -5.02 -12.91
N GLY A 246 -55.93 -5.78 -11.82
CA GLY A 246 -57.02 -5.60 -10.88
C GLY A 246 -56.65 -5.21 -9.45
N GLY A 247 -55.42 -4.76 -9.23
CA GLY A 247 -55.04 -4.27 -7.89
C GLY A 247 -53.57 -3.94 -7.68
N VAL A 248 -53.23 -3.64 -6.44
CA VAL A 248 -51.87 -3.29 -6.03
C VAL A 248 -51.54 -3.90 -4.67
N GLY A 249 -50.36 -4.49 -4.55
CA GLY A 249 -49.87 -5.05 -3.29
C GLY A 249 -48.67 -4.28 -2.81
N ILE A 250 -48.59 -4.06 -1.51
CA ILE A 250 -47.48 -3.32 -0.94
C ILE A 250 -46.91 -4.05 0.27
N SER A 251 -45.59 -4.01 0.42
CA SER A 251 -44.96 -4.59 1.60
C SER A 251 -45.04 -3.58 2.72
N ASN A 252 -44.58 -3.99 3.89
CA ASN A 252 -44.32 -3.05 4.97
C ASN A 252 -43.19 -2.13 4.53
N TYR A 253 -42.97 -1.06 5.28
CA TYR A 253 -41.75 -0.27 5.12
C TYR A 253 -40.58 -1.00 5.74
N ALA A 254 -39.41 -0.77 5.18
CA ALA A 254 -38.18 -1.38 5.67
C ALA A 254 -37.06 -0.38 5.47
N GLU A 255 -36.21 -0.25 6.48
CA GLU A 255 -35.25 0.83 6.52
C GLU A 255 -33.94 0.46 5.84
N LEU A 256 -33.47 1.35 4.98
CA LEU A 256 -32.11 1.28 4.43
C LEU A 256 -31.19 2.15 5.28
N VAL A 257 -30.24 1.50 5.94
CA VAL A 257 -29.19 2.17 6.71
C VAL A 257 -27.90 2.15 5.87
N VAL A 258 -27.53 3.32 5.34
CA VAL A 258 -26.31 3.47 4.55
C VAL A 258 -25.18 4.01 5.43
N LYS A 259 -24.31 3.12 5.87
CA LYS A 259 -23.18 3.48 6.72
C LYS A 259 -21.88 3.68 5.91
N GLU A 260 -21.04 4.58 6.39
CA GLU A 260 -19.83 5.01 5.67
C GLU A 260 -18.61 4.24 6.15
N PRO A 261 -17.90 3.55 5.25
CA PRO A 261 -16.73 2.75 5.63
C PRO A 261 -15.67 3.54 6.43
N PRO A 262 -14.96 2.86 7.36
CA PRO A 262 -14.01 3.57 8.22
C PRO A 262 -12.72 4.00 7.53
N VAL A 263 -12.27 5.20 7.89
CA VAL A 263 -10.94 5.68 7.54
C VAL A 263 -10.33 6.33 8.79
N PRO A 264 -9.06 6.07 9.07
CA PRO A 264 -8.48 6.66 10.28
C PRO A 264 -8.19 8.15 10.11
N ILE A 265 -8.49 8.93 11.15
CA ILE A 265 -8.35 10.39 11.12
C ILE A 265 -6.90 10.80 10.95
N ALA A 266 -6.02 10.24 11.79
CA ALA A 266 -4.60 10.60 11.81
C ALA A 266 -3.69 9.40 11.56
N PRO A 267 -2.45 9.64 11.10
CA PRO A 267 -1.55 8.56 10.68
C PRO A 267 -1.02 7.76 11.86
N PRO A 268 -0.35 6.63 11.59
CA PRO A 268 0.20 5.86 12.69
C PRO A 268 1.43 6.51 13.31
N GLN A 269 1.44 6.66 14.64
CA GLN A 269 2.58 7.23 15.36
C GLN A 269 3.77 6.29 15.30
N LEU A 270 4.98 6.84 15.31
CA LEU A 270 6.22 6.03 15.25
C LEU A 270 6.75 5.75 16.65
N ALA A 271 6.82 4.46 17.02
CA ALA A 271 7.24 4.03 18.36
C ALA A 271 8.76 3.92 18.51
N SER A 272 9.40 3.14 17.64
CA SER A 272 10.86 3.06 17.59
C SER A 272 11.36 2.57 16.23
N VAL A 273 12.58 2.96 15.88
CA VAL A 273 13.15 2.63 14.57
C VAL A 273 14.25 1.57 14.69
N GLY A 274 14.28 0.65 13.74
CA GLY A 274 15.33 -0.36 13.65
C GLY A 274 15.99 -0.40 12.28
N ALA A 275 16.99 -1.26 12.13
CA ALA A 275 17.60 -1.49 10.83
C ALA A 275 16.64 -2.29 9.95
N THR A 276 16.14 -3.38 10.50
CA THR A 276 15.31 -4.32 9.78
C THR A 276 13.86 -4.29 10.27
N TYR A 277 13.50 -3.30 11.08
CA TYR A 277 12.15 -3.24 11.63
C TYR A 277 11.62 -1.83 11.90
N LEU A 278 10.43 -1.77 12.46
CA LEU A 278 9.70 -0.53 12.61
C LEU A 278 8.53 -0.80 13.54
N TRP A 279 8.67 -0.41 14.80
CA TRP A 279 7.55 -0.44 15.70
C TRP A 279 6.75 0.80 15.43
N ILE A 280 5.45 0.65 15.19
CA ILE A 280 4.57 1.81 15.06
C ILE A 280 3.44 1.75 16.06
N GLN A 281 2.71 2.84 16.14
CA GLN A 281 1.49 2.91 16.92
C GLN A 281 0.35 3.11 15.94
N LEU A 282 -0.52 2.10 15.82
CA LEU A 282 -1.77 2.30 15.12
C LEU A 282 -2.59 3.23 16.00
N ASN A 283 -2.92 4.41 15.48
CA ASN A 283 -3.89 5.26 16.16
C ASN A 283 -5.26 4.67 15.88
N ALA A 284 -5.71 4.82 14.63
CA ALA A 284 -6.91 4.16 14.10
C ALA A 284 -8.05 3.92 15.11
N ASN A 285 -8.12 4.74 16.16
CA ASN A 285 -9.19 4.67 17.14
C ASN A 285 -10.13 5.85 16.87
N SER A 286 -9.56 7.03 16.75
CA SER A 286 -10.24 8.18 16.18
C SER A 286 -10.36 7.95 14.68
N ILE A 287 -11.60 7.80 14.21
CA ILE A 287 -11.86 7.41 12.81
C ILE A 287 -12.88 8.34 12.14
N ASN A 288 -12.91 8.25 10.82
CA ASN A 288 -13.60 9.23 9.99
C ASN A 288 -14.93 8.74 9.47
N GLY A 289 -15.11 7.42 9.43
CA GLY A 289 -16.38 6.83 8.98
C GLY A 289 -17.27 6.47 10.15
N ASP A 290 -17.81 5.26 10.15
CA ASP A 290 -18.52 4.73 11.30
C ASP A 290 -18.56 3.20 11.28
N GLY A 291 -19.15 2.64 12.33
CA GLY A 291 -19.45 1.21 12.41
C GLY A 291 -18.44 0.45 13.25
N PRO A 292 -18.77 -0.81 13.60
CA PRO A 292 -17.87 -1.66 14.38
C PRO A 292 -16.67 -2.11 13.56
N ILE A 293 -15.46 -1.76 14.00
CA ILE A 293 -14.27 -2.22 13.32
C ILE A 293 -14.10 -3.70 13.66
N VAL A 294 -14.12 -4.52 12.62
CA VAL A 294 -14.05 -5.96 12.76
C VAL A 294 -12.74 -6.51 12.22
N ALA A 295 -11.92 -5.64 11.65
CA ALA A 295 -10.62 -6.02 11.12
C ALA A 295 -9.78 -4.77 10.86
N ARG A 296 -8.50 -4.84 11.19
CA ARG A 296 -7.57 -3.74 11.01
C ARG A 296 -6.33 -4.28 10.31
N GLU A 297 -6.00 -3.75 9.14
CA GLU A 297 -4.78 -4.13 8.42
C GLU A 297 -3.79 -2.96 8.42
N VAL A 298 -2.50 -3.32 8.42
CA VAL A 298 -1.42 -2.37 8.17
C VAL A 298 -0.90 -2.60 6.76
N GLU A 299 -0.60 -1.51 6.07
CA GLU A 299 -0.12 -1.57 4.69
C GLU A 299 1.15 -0.75 4.58
N TYR A 300 2.21 -1.34 4.04
CA TYR A 300 3.47 -0.61 3.87
C TYR A 300 4.08 -0.81 2.49
N CYS A 301 4.70 0.25 1.96
CA CYS A 301 5.44 0.18 0.70
C CYS A 301 6.71 1.02 0.73
N THR A 302 7.76 0.48 0.13
CA THR A 302 9.00 1.20 -0.09
C THR A 302 8.72 2.41 -0.96
N ALA A 303 9.49 3.48 -0.75
CA ALA A 303 9.32 4.72 -1.52
C ALA A 303 9.52 4.54 -3.02
N SER A 304 10.40 3.60 -3.41
CA SER A 304 10.61 3.31 -4.82
C SER A 304 9.41 2.59 -5.42
N GLY A 305 8.77 1.75 -4.61
CA GLY A 305 7.68 0.90 -5.06
C GLY A 305 8.04 -0.56 -4.88
N SER A 306 9.26 -0.91 -5.28
CA SER A 306 9.78 -2.29 -5.24
C SER A 306 8.92 -3.29 -4.48
N TRP A 307 8.77 -3.07 -3.18
CA TRP A 307 7.96 -3.95 -2.33
C TRP A 307 6.79 -3.23 -1.68
N ASN A 308 5.64 -3.91 -1.62
CA ASN A 308 4.56 -3.52 -0.72
C ASN A 308 3.80 -4.72 -0.17
N ASP A 309 3.29 -4.58 1.05
CA ASP A 309 2.69 -5.69 1.78
C ASP A 309 1.54 -5.18 2.65
N ARG A 310 0.38 -5.82 2.50
CA ARG A 310 -0.78 -5.55 3.32
C ARG A 310 -0.81 -6.68 4.35
N GLN A 311 -0.96 -6.34 5.63
CA GLN A 311 -0.88 -7.36 6.67
C GLN A 311 -1.81 -7.04 7.85
N PRO A 312 -2.67 -7.99 8.25
CA PRO A 312 -3.57 -7.74 9.38
C PRO A 312 -2.83 -7.57 10.71
N VAL A 313 -3.27 -6.61 11.51
CA VAL A 313 -2.66 -6.30 12.80
C VAL A 313 -3.68 -6.48 13.90
N ASP A 314 -3.27 -7.13 14.99
CA ASP A 314 -4.20 -7.45 16.07
C ASP A 314 -4.24 -6.41 17.19
N SER A 315 -3.07 -5.88 17.56
CA SER A 315 -2.95 -4.94 18.68
C SER A 315 -2.83 -3.50 18.21
N THR A 316 -2.78 -2.57 19.17
CA THR A 316 -2.48 -1.16 18.91
C THR A 316 -1.01 -0.98 18.55
N SER A 317 -0.12 -1.46 19.43
CA SER A 317 1.31 -1.49 19.15
C SER A 317 1.59 -2.61 18.17
N TYR A 318 2.17 -2.28 17.03
CA TYR A 318 2.47 -3.29 16.01
C TYR A 318 3.87 -3.11 15.42
N LYS A 319 4.61 -4.22 15.29
CA LYS A 319 5.96 -4.20 14.74
C LYS A 319 5.97 -4.63 13.29
N ILE A 320 6.54 -3.81 12.42
CA ILE A 320 6.82 -4.24 11.06
C ILE A 320 8.27 -4.74 11.03
N GLY A 321 8.44 -6.06 11.04
CA GLY A 321 9.77 -6.67 11.01
C GLY A 321 10.23 -6.97 9.59
N HIS A 322 11.46 -7.47 9.47
CA HIS A 322 11.98 -7.99 8.21
C HIS A 322 12.04 -6.98 7.06
N LEU A 323 12.32 -5.73 7.41
CA LEU A 323 12.50 -4.64 6.45
C LEU A 323 13.95 -4.51 5.99
N ASP A 324 14.17 -3.67 4.97
CA ASP A 324 15.50 -3.34 4.50
C ASP A 324 16.03 -2.12 5.25
N PRO A 325 17.30 -2.14 5.67
CA PRO A 325 18.00 -1.04 6.36
C PRO A 325 17.83 0.38 5.82
N ASP A 326 18.69 0.87 4.93
CA ASP A 326 18.71 2.31 4.65
C ASP A 326 17.60 2.68 3.67
N THR A 327 16.36 2.42 4.07
CA THR A 327 15.24 2.39 3.14
C THR A 327 14.06 3.25 3.59
N GLU A 328 13.52 4.03 2.65
CA GLU A 328 12.40 4.93 2.91
C GLU A 328 11.10 4.14 2.86
N TYR A 329 10.29 4.24 3.92
CA TYR A 329 9.05 3.47 4.04
C TYR A 329 7.83 4.35 4.23
N GLU A 330 6.72 3.89 3.66
CA GLU A 330 5.45 4.61 3.72
C GLU A 330 4.40 3.64 4.27
N ILE A 331 3.78 4.02 5.39
CA ILE A 331 2.86 3.14 6.13
C ILE A 331 1.52 3.79 6.37
N SER A 332 0.45 3.15 5.89
CA SER A 332 -0.92 3.57 6.16
C SER A 332 -1.72 2.44 6.80
N VAL A 333 -2.76 2.80 7.54
CA VAL A 333 -3.59 1.82 8.24
C VAL A 333 -4.98 1.69 7.60
N LEU A 334 -5.41 0.45 7.33
CA LEU A 334 -6.73 0.17 6.75
C LEU A 334 -7.67 -0.43 7.79
N LEU A 335 -8.84 0.21 7.96
CA LEU A 335 -9.86 -0.29 8.89
C LEU A 335 -10.98 -0.97 8.12
N THR A 336 -11.73 -1.85 8.78
CA THR A 336 -12.78 -2.61 8.13
C THR A 336 -14.01 -2.76 9.01
N ARG A 337 -15.15 -2.37 8.47
CA ARG A 337 -16.44 -2.63 9.11
C ARG A 337 -17.16 -3.75 8.33
N PRO A 338 -18.27 -4.27 8.88
CA PRO A 338 -18.89 -5.44 8.24
C PRO A 338 -19.51 -5.12 6.88
N GLY A 339 -19.63 -6.16 6.06
CA GLY A 339 -20.33 -6.03 4.79
C GLY A 339 -19.46 -5.75 3.60
N GLU A 340 -20.11 -5.79 2.44
CA GLU A 340 -19.48 -5.91 1.12
C GLU A 340 -18.45 -4.83 0.79
N GLY A 341 -18.73 -3.58 1.10
CA GLY A 341 -17.75 -2.49 0.86
C GLY A 341 -17.09 -2.05 2.15
N GLY A 342 -16.79 -3.03 3.00
CA GLY A 342 -16.55 -2.76 4.41
C GLY A 342 -15.25 -2.09 4.76
N THR A 343 -14.20 -2.41 4.03
CA THR A 343 -12.86 -1.93 4.39
C THR A 343 -12.80 -0.41 4.28
N GLY A 344 -12.90 0.10 3.07
CA GLY A 344 -12.77 1.54 2.88
C GLY A 344 -11.32 1.98 2.87
N SER A 345 -11.12 3.29 2.72
CA SER A 345 -9.85 3.85 2.26
C SER A 345 -8.75 3.71 3.30
N PRO A 346 -7.48 3.84 2.87
CA PRO A 346 -6.33 3.82 3.78
C PRO A 346 -6.08 5.20 4.36
N GLY A 347 -5.71 5.26 5.63
CA GLY A 347 -5.58 6.53 6.33
C GLY A 347 -4.39 7.37 5.91
N PRO A 348 -4.13 8.46 6.65
CA PRO A 348 -2.91 9.22 6.43
C PRO A 348 -1.71 8.30 6.60
N ALA A 349 -0.63 8.58 5.86
CA ALA A 349 0.54 7.71 5.86
C ALA A 349 1.65 8.33 6.68
N LEU A 350 2.17 7.54 7.61
CA LEU A 350 3.43 7.83 8.26
C LEU A 350 4.50 7.53 7.24
N ARG A 351 5.42 8.46 7.05
CA ARG A 351 6.56 8.23 6.21
C ARG A 351 7.79 8.33 7.07
N THR A 352 8.61 7.28 7.05
CA THR A 352 9.79 7.17 7.90
C THR A 352 10.78 6.23 7.23
N ARG A 353 12.06 6.34 7.57
CA ARG A 353 13.06 5.43 7.03
C ARG A 353 13.84 4.74 8.12
N THR A 354 14.35 3.58 7.79
CA THR A 354 14.99 2.67 8.74
C THR A 354 16.48 2.96 8.85
N LYS A 355 17.05 2.65 10.00
CA LYS A 355 18.48 2.91 10.25
C LYS A 355 19.37 2.04 9.36
N CYS A 356 20.68 2.24 9.47
CA CYS A 356 21.64 1.33 8.84
C CYS A 356 21.96 0.19 9.79
N ALA A 357 22.28 -0.96 9.21
CA ALA A 357 22.88 -2.04 9.98
C ALA A 357 24.37 -1.89 9.79
N ASP A 358 25.14 -2.16 10.83
CA ASP A 358 26.57 -2.28 10.65
C ASP A 358 26.80 -3.41 9.64
N PRO A 359 27.89 -3.34 8.85
CA PRO A 359 28.00 -4.23 7.69
C PRO A 359 28.01 -5.73 8.03
N MET A 360 27.53 -6.54 7.10
CA MET A 360 27.70 -7.99 7.15
C MET A 360 29.11 -8.36 7.58
N ARG A 361 30.08 -7.94 6.77
CA ARG A 361 31.44 -8.46 6.84
C ARG A 361 32.40 -7.52 6.12
N GLY A 362 33.70 -7.76 6.31
CA GLY A 362 34.72 -7.11 5.48
C GLY A 362 34.76 -7.76 4.10
N PRO A 363 35.27 -7.04 3.09
CA PRO A 363 35.36 -7.58 1.73
C PRO A 363 36.22 -8.84 1.66
N ARG A 364 36.21 -9.50 0.51
CA ARG A 364 36.83 -10.82 0.38
C ARG A 364 37.60 -11.00 -0.93
N LYS A 365 38.26 -12.15 -1.01
CA LYS A 365 39.18 -12.46 -2.11
C LYS A 365 40.25 -11.38 -2.21
N LEU A 366 40.74 -10.95 -1.05
CA LEU A 366 41.81 -9.95 -0.96
C LEU A 366 43.10 -10.57 -1.48
N GLU A 367 43.34 -10.38 -2.78
CA GLU A 367 44.53 -10.92 -3.43
C GLU A 367 45.58 -9.83 -3.64
N VAL A 368 46.81 -10.27 -3.85
CA VAL A 368 47.85 -9.45 -4.43
C VAL A 368 47.70 -9.58 -5.95
N VAL A 369 47.92 -8.48 -6.68
CA VAL A 369 47.93 -8.54 -8.14
C VAL A 369 49.39 -8.55 -8.57
N GLU A 370 50.15 -7.55 -8.12
CA GLU A 370 51.60 -7.52 -8.30
C GLU A 370 52.30 -6.77 -7.16
N VAL A 371 53.51 -7.23 -6.82
CA VAL A 371 54.34 -6.57 -5.81
C VAL A 371 55.58 -5.95 -6.48
N LYS A 372 55.99 -4.79 -5.99
CA LYS A 372 57.17 -4.09 -6.52
C LYS A 372 58.08 -3.65 -5.38
N SER A 373 59.16 -2.92 -5.71
CA SER A 373 60.12 -2.49 -4.71
C SER A 373 59.48 -1.63 -3.63
N ARG A 374 58.88 -0.51 -4.04
CA ARG A 374 58.35 0.48 -3.11
C ARG A 374 56.84 0.66 -3.28
N GLN A 375 56.20 -0.29 -3.95
CA GLN A 375 54.75 -0.24 -4.18
C GLN A 375 54.19 -1.65 -4.39
N ILE A 376 52.88 -1.80 -4.18
CA ILE A 376 52.16 -3.02 -4.53
C ILE A 376 50.70 -2.70 -4.88
N THR A 377 50.06 -3.59 -5.62
CA THR A 377 48.65 -3.47 -5.96
C THR A 377 47.89 -4.64 -5.34
N ILE A 378 46.70 -4.34 -4.79
CA ILE A 378 45.82 -5.37 -4.24
C ILE A 378 44.44 -5.29 -4.91
N ARG A 379 43.61 -6.30 -4.65
CA ARG A 379 42.26 -6.37 -5.25
C ARG A 379 41.34 -7.22 -4.38
N TRP A 380 40.04 -7.15 -4.64
CA TRP A 380 39.05 -7.84 -3.83
C TRP A 380 37.73 -8.00 -4.59
N GLU A 381 36.81 -8.80 -4.07
CA GLU A 381 35.51 -8.95 -4.72
C GLU A 381 34.61 -7.79 -4.30
N PRO A 382 33.87 -7.18 -5.26
CA PRO A 382 32.87 -6.14 -4.97
C PRO A 382 31.78 -6.66 -4.04
N PHE A 383 30.88 -5.79 -3.58
CA PHE A 383 29.89 -6.24 -2.60
C PHE A 383 28.44 -5.66 -2.69
N GLY A 384 28.28 -4.35 -2.53
CA GLY A 384 26.97 -3.69 -2.71
C GLY A 384 26.15 -3.47 -1.44
N TYR A 385 24.87 -3.14 -1.64
CA TYR A 385 23.93 -2.82 -0.54
C TYR A 385 23.80 -3.95 0.48
N ASN A 386 24.04 -5.19 0.04
CA ASN A 386 23.80 -6.36 0.87
C ASN A 386 24.90 -6.60 1.86
N VAL A 387 26.09 -6.12 1.56
CA VAL A 387 27.19 -6.14 2.51
C VAL A 387 27.22 -4.84 3.30
N THR A 388 27.06 -3.72 2.61
CA THR A 388 27.18 -2.40 3.23
C THR A 388 26.02 -2.07 4.18
N ARG A 389 24.81 -2.50 3.82
CA ARG A 389 23.59 -2.32 4.64
C ARG A 389 23.34 -0.85 4.99
N CYS A 390 23.72 0.02 4.08
CA CYS A 390 23.72 1.46 4.29
C CYS A 390 24.17 2.05 2.97
N HIS A 391 23.44 3.05 2.48
CA HIS A 391 23.76 3.66 1.19
C HIS A 391 24.94 4.62 1.27
N SER A 392 25.27 5.04 2.49
CA SER A 392 26.48 5.82 2.76
C SER A 392 27.49 4.98 3.55
N TYR A 393 28.72 4.94 3.07
CA TYR A 393 29.80 4.16 3.65
C TYR A 393 31.12 4.62 3.05
N ASN A 394 32.22 4.00 3.48
CA ASN A 394 33.49 4.14 2.80
C ASN A 394 34.36 2.91 3.03
N LEU A 395 35.19 2.58 2.04
CA LEU A 395 36.12 1.46 2.14
C LEU A 395 37.52 2.03 2.37
N THR A 396 38.29 1.39 3.25
CA THR A 396 39.59 1.93 3.67
C THR A 396 40.68 0.84 3.70
N VAL A 397 41.85 1.19 3.15
CA VAL A 397 42.99 0.27 3.04
C VAL A 397 43.98 0.56 4.16
N HIS A 398 44.29 -0.44 4.98
CA HIS A 398 45.05 -0.23 6.22
C HIS A 398 46.34 -1.07 6.24
N TYR A 399 47.50 -0.43 6.10
CA TYR A 399 48.78 -1.17 6.10
C TYR A 399 49.73 -0.84 7.24
N CYS A 400 50.67 -1.75 7.47
CA CYS A 400 51.55 -1.70 8.64
C CYS A 400 52.93 -2.31 8.35
N TYR A 401 54.00 -1.62 8.77
CA TYR A 401 55.38 -2.08 8.52
C TYR A 401 56.44 -1.29 9.31
N GLN A 402 57.68 -1.79 9.28
CA GLN A 402 58.83 -1.16 9.99
C GLN A 402 59.97 -0.84 9.01
N VAL A 403 60.72 0.24 9.26
CA VAL A 403 61.82 0.63 8.37
C VAL A 403 62.98 1.42 8.99
N GLY A 404 63.97 0.77 9.61
CA GLY A 404 63.83 -0.56 10.21
C GLY A 404 63.50 -0.37 11.68
N GLY A 405 64.02 0.72 12.25
CA GLY A 405 63.70 1.10 13.62
C GLY A 405 62.22 1.26 13.89
N GLN A 406 61.64 2.38 13.46
CA GLN A 406 60.27 2.73 13.85
C GLN A 406 59.18 2.14 12.95
N GLU A 407 58.00 1.94 13.54
CA GLU A 407 56.81 1.49 12.82
C GLU A 407 56.28 2.59 11.92
N GLN A 408 55.44 2.20 10.97
CA GLN A 408 54.65 3.13 10.17
C GLN A 408 53.28 2.49 9.93
N VAL A 409 52.21 3.23 10.19
CA VAL A 409 50.83 2.69 10.11
C VAL A 409 49.92 3.60 9.31
N ARG A 410 49.74 3.31 8.03
CA ARG A 410 48.98 4.17 7.11
C ARG A 410 47.55 3.65 6.78
N GLU A 411 46.67 4.58 6.39
CA GLU A 411 45.29 4.26 5.94
C GLU A 411 44.89 5.12 4.73
N GLU A 412 44.21 4.52 3.77
CA GLU A 412 43.73 5.23 2.57
C GLU A 412 42.22 5.07 2.36
N VAL A 413 41.68 5.70 1.31
CA VAL A 413 40.25 5.57 0.99
C VAL A 413 40.04 5.36 -0.51
N SER A 414 39.74 4.11 -0.90
CA SER A 414 39.51 3.78 -2.29
C SER A 414 38.14 4.28 -2.76
N TRP A 415 38.08 4.78 -3.99
CA TRP A 415 36.89 5.37 -4.57
C TRP A 415 36.18 4.41 -5.53
N ASP A 416 36.56 3.14 -5.49
CA ASP A 416 35.97 2.12 -6.37
C ASP A 416 34.63 1.60 -5.82
N THR A 417 33.72 2.52 -5.53
CA THR A 417 32.36 2.20 -5.11
C THR A 417 31.60 1.48 -6.23
N GLU A 418 31.83 1.92 -7.48
CA GLU A 418 31.19 1.34 -8.67
C GLU A 418 32.25 0.68 -9.59
N ASN A 419 32.58 -0.58 -9.31
CA ASN A 419 33.73 -1.24 -9.95
C ASN A 419 33.66 -2.78 -10.03
N SER A 420 33.77 -3.30 -11.25
CA SER A 420 34.00 -4.73 -11.45
C SER A 420 35.49 -5.02 -11.33
N HIS A 421 35.85 -5.94 -10.44
CA HIS A 421 37.26 -6.30 -10.18
C HIS A 421 38.06 -5.08 -9.64
N PRO A 422 37.67 -4.56 -8.47
CA PRO A 422 38.31 -3.36 -7.90
C PRO A 422 39.77 -3.55 -7.53
N GLN A 423 40.54 -2.46 -7.58
CA GLN A 423 41.97 -2.47 -7.28
C GLN A 423 42.36 -1.26 -6.43
N HIS A 424 43.53 -1.35 -5.81
CA HIS A 424 44.14 -0.23 -5.13
C HIS A 424 45.64 -0.44 -5.08
N THR A 425 46.40 0.54 -5.56
CA THR A 425 47.86 0.45 -5.55
C THR A 425 48.47 1.30 -4.44
N ILE A 426 48.99 0.65 -3.41
CA ILE A 426 49.70 1.33 -2.34
C ILE A 426 51.07 1.74 -2.83
N THR A 427 51.57 2.88 -2.37
CA THR A 427 52.85 3.44 -2.85
C THR A 427 53.70 3.93 -1.67
N ASN A 428 54.95 4.28 -1.97
CA ASN A 428 55.87 4.90 -1.00
C ASN A 428 56.21 3.93 0.12
N LEU A 429 56.67 2.75 -0.25
CA LEU A 429 57.01 1.71 0.71
C LEU A 429 58.51 1.43 0.65
N SER A 430 59.04 0.81 1.70
CA SER A 430 60.45 0.42 1.74
C SER A 430 60.59 -1.01 1.20
N PRO A 431 61.68 -1.30 0.45
CA PRO A 431 61.81 -2.62 -0.14
C PRO A 431 62.18 -3.68 0.89
N TYR A 432 61.87 -4.93 0.58
CA TYR A 432 62.19 -6.07 1.46
C TYR A 432 61.65 -5.82 2.88
N THR A 433 60.37 -5.45 2.94
CA THR A 433 59.67 -5.20 4.20
C THR A 433 58.30 -5.83 4.15
N ASN A 434 57.87 -6.42 5.26
CA ASN A 434 56.57 -7.10 5.32
C ASN A 434 55.44 -6.11 5.57
N VAL A 435 54.67 -5.82 4.53
CA VAL A 435 53.50 -4.97 4.64
C VAL A 435 52.30 -5.82 5.03
N SER A 436 51.71 -5.48 6.17
CA SER A 436 50.50 -6.14 6.63
C SER A 436 49.31 -5.30 6.20
N VAL A 437 48.53 -5.81 5.25
CA VAL A 437 47.40 -5.08 4.66
C VAL A 437 46.04 -5.63 5.12
N LYS A 438 45.06 -4.74 5.29
CA LYS A 438 43.68 -5.14 5.55
C LYS A 438 42.70 -4.07 5.05
N LEU A 439 41.51 -4.51 4.61
CA LEU A 439 40.45 -3.61 4.15
C LEU A 439 39.37 -3.47 5.21
N ILE A 440 39.26 -2.26 5.79
CA ILE A 440 38.25 -1.97 6.79
C ILE A 440 37.08 -1.27 6.11
N LEU A 441 35.89 -1.89 6.19
CA LEU A 441 34.65 -1.30 5.65
C LEU A 441 33.86 -0.62 6.77
N MET A 442 33.56 0.67 6.58
CA MET A 442 32.91 1.48 7.61
C MET A 442 31.59 2.05 7.13
N ASN A 443 30.62 2.05 8.04
CA ASN A 443 29.41 2.87 7.90
C ASN A 443 29.12 3.51 9.25
N PRO A 444 28.11 4.39 9.32
CA PRO A 444 27.81 5.13 10.55
C PRO A 444 27.48 4.30 11.81
N GLU A 445 27.10 3.04 11.66
CA GLU A 445 26.74 2.21 12.81
C GLU A 445 27.90 1.34 13.33
N GLY A 446 28.64 0.71 12.42
CA GLY A 446 29.80 -0.09 12.81
C GLY A 446 30.79 -0.33 11.67
N ARG A 447 31.66 -1.31 11.86
CA ARG A 447 32.66 -1.66 10.85
C ARG A 447 32.96 -3.16 10.84
N LYS A 448 33.53 -3.63 9.74
CA LYS A 448 33.98 -5.01 9.59
C LYS A 448 35.25 -5.04 8.75
N GLU A 449 36.36 -5.50 9.33
CA GLU A 449 37.62 -5.60 8.60
C GLU A 449 37.71 -6.93 7.84
N SER A 450 38.41 -6.91 6.71
CA SER A 450 38.61 -8.12 5.92
C SER A 450 39.60 -9.03 6.59
N GLN A 451 39.94 -10.14 5.93
CA GLN A 451 41.07 -10.97 6.36
C GLN A 451 42.37 -10.18 6.22
N GLU A 452 43.31 -10.44 7.12
CA GLU A 452 44.56 -9.71 7.16
C GLU A 452 45.57 -10.41 6.25
N LEU A 453 46.00 -9.71 5.21
CA LEU A 453 46.99 -10.22 4.26
C LEU A 453 48.40 -9.71 4.60
N ILE A 454 49.44 -10.46 4.23
CA ILE A 454 50.82 -9.99 4.41
C ILE A 454 51.62 -10.16 3.12
N VAL A 455 52.27 -9.08 2.69
CA VAL A 455 52.99 -9.08 1.43
C VAL A 455 54.41 -8.52 1.61
N GLN A 456 55.43 -9.34 1.33
CA GLN A 456 56.82 -8.89 1.39
C GLN A 456 57.16 -8.08 0.16
N THR A 457 57.50 -6.81 0.39
CA THR A 457 57.86 -5.90 -0.69
C THR A 457 59.12 -6.40 -1.42
N ASP A 458 59.11 -6.31 -2.74
CA ASP A 458 60.19 -6.82 -3.59
C ASP A 458 61.55 -6.22 -3.20
N GLU A 459 62.61 -6.97 -3.44
CA GLU A 459 63.98 -6.50 -3.21
C GLU A 459 64.36 -5.43 -4.22
N ASP A 460 65.51 -4.79 -4.00
CA ASP A 460 66.03 -3.77 -4.92
C ASP A 460 67.54 -3.74 -4.82
N LEU A 461 68.16 -2.94 -5.69
CA LEU A 461 69.59 -2.73 -5.67
C LEU A 461 69.97 -2.02 -4.37
N PRO A 462 71.07 -2.45 -3.72
CA PRO A 462 71.48 -1.86 -2.46
C PRO A 462 72.18 -0.52 -2.64
N GLY A 463 72.61 0.06 -1.52
CA GLY A 463 73.52 1.20 -1.55
C GLY A 463 74.94 0.69 -1.70
N ALA A 464 75.90 1.61 -1.82
CA ALA A 464 77.31 1.23 -1.93
C ALA A 464 77.88 0.90 -0.56
N VAL A 465 78.97 0.12 -0.54
CA VAL A 465 79.74 -0.10 0.67
C VAL A 465 80.31 1.24 1.13
N PRO A 466 80.23 1.54 2.45
CA PRO A 466 80.76 2.84 2.88
C PRO A 466 82.27 2.92 2.68
N THR A 467 82.75 4.04 2.16
CA THR A 467 84.16 4.18 1.79
C THR A 467 85.06 4.32 3.02
N GLU A 468 84.48 4.71 4.15
CA GLU A 468 85.24 4.79 5.41
C GLU A 468 85.61 3.38 5.87
N SER A 469 84.73 2.41 5.56
CA SER A 469 84.91 1.02 5.98
C SER A 469 85.99 0.28 5.18
N ILE A 470 86.17 0.66 3.92
CA ILE A 470 87.10 -0.05 3.04
C ILE A 470 88.54 0.12 3.51
N GLN A 471 88.95 -0.72 4.45
CA GLN A 471 90.31 -0.67 5.00
C GLN A 471 91.08 -1.92 4.58
N GLY A 472 92.38 -1.75 4.33
CA GLY A 472 93.22 -2.79 3.75
C GLY A 472 94.54 -2.94 4.48
N SER A 473 95.06 -4.16 4.52
CA SER A 473 96.33 -4.44 5.17
C SER A 473 97.29 -4.98 4.13
N THR A 474 98.43 -4.31 3.99
CA THR A 474 99.35 -4.57 2.89
C THR A 474 100.52 -5.43 3.31
N PHE A 475 101.07 -6.13 2.33
CA PHE A 475 102.26 -6.96 2.49
C PHE A 475 103.04 -6.86 1.18
N GLU A 476 104.35 -7.16 1.20
CA GLU A 476 105.02 -7.44 -0.06
C GLU A 476 104.27 -8.67 -0.61
N GLU A 477 103.83 -8.59 -1.86
CA GLU A 477 103.09 -9.71 -2.52
C GLU A 477 101.61 -9.97 -2.11
N LYS A 478 101.07 -9.33 -1.07
CA LYS A 478 99.63 -9.46 -0.82
C LYS A 478 98.93 -8.33 -0.02
N ILE A 479 97.61 -8.24 -0.22
CA ILE A 479 96.75 -7.22 0.39
C ILE A 479 95.44 -7.83 0.91
N PHE A 480 95.14 -7.56 2.17
CA PHE A 480 93.91 -8.06 2.78
C PHE A 480 92.89 -6.94 2.81
N LEU A 481 91.90 -7.02 1.93
CA LEU A 481 90.85 -6.00 1.84
C LEU A 481 89.68 -6.37 2.74
N GLN A 482 89.13 -5.36 3.44
CA GLN A 482 88.02 -5.55 4.39
C GLN A 482 87.04 -4.40 4.22
N TRP A 483 85.77 -4.65 4.47
CA TRP A 483 84.78 -3.58 4.39
C TRP A 483 83.55 -3.87 5.27
N ARG A 484 82.61 -2.95 5.27
CA ARG A 484 81.33 -3.12 5.97
C ARG A 484 80.21 -3.15 4.95
N GLU A 485 79.09 -3.80 5.30
CA GLU A 485 77.97 -3.92 4.37
C GLU A 485 77.37 -2.54 4.07
N PRO A 486 76.65 -2.40 2.94
CA PRO A 486 76.09 -1.10 2.64
C PRO A 486 75.18 -0.61 3.76
N THR A 487 75.38 0.64 4.17
CA THR A 487 74.55 1.29 5.19
C THR A 487 73.06 0.94 5.12
N GLN A 488 72.54 0.75 3.91
CA GLN A 488 71.14 0.37 3.71
C GLN A 488 70.97 -0.54 2.48
N THR A 489 70.71 -1.82 2.72
CA THR A 489 70.83 -2.87 1.71
C THR A 489 69.59 -3.06 0.82
N TYR A 490 68.40 -2.85 1.38
CA TYR A 490 67.14 -3.04 0.64
C TYR A 490 67.04 -4.48 0.08
N GLY A 491 67.36 -5.45 0.92
CA GLY A 491 67.39 -6.86 0.52
C GLY A 491 68.55 -7.60 1.16
N VAL A 492 68.66 -8.90 0.85
CA VAL A 492 69.77 -9.71 1.32
C VAL A 492 70.92 -9.54 0.33
N ILE A 493 72.11 -9.23 0.85
CA ILE A 493 73.31 -9.09 0.03
C ILE A 493 73.83 -10.48 -0.32
N THR A 494 73.82 -10.80 -1.61
CA THR A 494 74.13 -12.16 -2.09
C THR A 494 75.58 -12.36 -2.51
N LEU A 495 76.18 -11.27 -2.98
CA LEU A 495 77.51 -11.28 -3.59
C LEU A 495 78.17 -9.94 -3.27
N TYR A 496 79.50 -9.92 -3.27
CA TYR A 496 80.25 -8.69 -3.48
C TYR A 496 81.12 -8.96 -4.70
N GLU A 497 80.97 -8.16 -5.76
CA GLU A 497 81.89 -8.20 -6.88
C GLU A 497 83.00 -7.23 -6.53
N ILE A 498 84.25 -7.60 -6.78
CA ILE A 498 85.34 -6.68 -6.50
C ILE A 498 86.52 -6.78 -7.46
N THR A 499 86.79 -5.64 -8.11
CA THR A 499 87.83 -5.52 -9.13
C THR A 499 89.06 -4.82 -8.55
N TYR A 500 90.20 -5.08 -9.17
CA TYR A 500 91.46 -4.47 -8.74
C TYR A 500 92.35 -4.24 -9.96
N LYS A 501 93.04 -3.10 -9.98
CA LYS A 501 94.00 -2.79 -11.03
C LYS A 501 95.29 -2.33 -10.38
N ALA A 502 96.43 -2.78 -10.91
CA ALA A 502 97.72 -2.22 -10.51
C ALA A 502 97.80 -0.88 -11.18
N VAL A 503 98.06 0.15 -10.40
CA VAL A 503 97.99 1.54 -10.88
C VAL A 503 99.37 2.20 -11.07
N SER A 504 100.36 1.80 -10.28
CA SER A 504 101.71 2.34 -10.38
C SER A 504 102.70 1.51 -9.55
N SER A 505 103.99 1.81 -9.64
CA SER A 505 104.99 1.10 -8.86
C SER A 505 106.29 1.88 -8.69
N PHE A 506 107.14 1.41 -7.79
CA PHE A 506 108.56 1.73 -7.85
C PHE A 506 109.14 1.04 -9.10
N ASP A 507 109.14 1.79 -10.21
CA ASP A 507 109.33 1.22 -11.56
C ASP A 507 110.76 1.41 -12.05
N ASP A 511 104.76 -1.76 -15.17
CA ASP A 511 105.99 -2.13 -15.85
C ASP A 511 106.02 -3.61 -16.31
N LEU A 512 105.01 -4.09 -17.07
CA LEU A 512 103.91 -3.31 -17.63
C LEU A 512 102.62 -3.50 -16.81
N SER A 513 102.77 -3.90 -15.55
CA SER A 513 101.68 -3.93 -14.60
C SER A 513 100.38 -4.48 -15.21
N ASN A 514 100.48 -5.53 -16.03
CA ASN A 514 99.26 -6.23 -16.49
C ASN A 514 98.84 -7.26 -15.43
N GLN A 515 98.09 -6.74 -14.47
CA GLN A 515 97.96 -7.31 -13.16
C GLN A 515 96.67 -6.73 -12.65
N SER A 516 95.60 -7.27 -13.21
CA SER A 516 94.27 -6.85 -12.87
C SER A 516 93.38 -8.07 -12.79
N GLY A 517 92.15 -7.86 -12.39
CA GLY A 517 91.19 -8.92 -12.33
C GLY A 517 89.95 -8.46 -11.64
N ARG A 518 88.94 -9.32 -11.64
CA ARG A 518 87.79 -9.15 -10.79
C ARG A 518 87.61 -10.46 -10.03
N VAL A 519 87.04 -10.33 -8.84
CA VAL A 519 86.74 -11.47 -8.01
C VAL A 519 85.38 -11.29 -7.34
N SER A 520 84.79 -12.39 -6.91
CA SER A 520 83.48 -12.39 -6.26
C SER A 520 83.51 -13.17 -4.95
N LYS A 521 82.55 -12.88 -4.07
CA LYS A 521 82.50 -13.49 -2.74
C LYS A 521 81.09 -13.43 -2.14
N LEU A 522 80.67 -14.51 -1.49
CA LEU A 522 79.37 -14.55 -0.81
C LEU A 522 79.15 -13.32 0.07
N GLY A 523 77.90 -12.87 0.14
CA GLY A 523 77.55 -11.70 0.93
C GLY A 523 77.86 -11.81 2.42
N ASN A 524 77.89 -13.03 2.94
CA ASN A 524 78.03 -13.23 4.39
C ASN A 524 79.43 -12.97 4.96
N GLU A 525 80.38 -12.61 4.10
CA GLU A 525 81.74 -12.23 4.54
C GLU A 525 82.24 -11.02 3.75
N THR A 526 82.62 -9.97 4.47
CA THR A 526 83.02 -8.70 3.87
C THR A 526 84.54 -8.52 3.95
N HIS A 527 85.26 -9.39 3.27
CA HIS A 527 86.71 -9.27 3.16
C HIS A 527 87.25 -10.07 1.97
N PHE A 528 88.45 -9.77 1.52
CA PHE A 528 89.09 -10.57 0.49
C PHE A 528 90.60 -10.49 0.57
N LEU A 529 91.26 -11.63 0.69
CA LEU A 529 92.71 -11.66 0.73
C LEU A 529 93.29 -11.76 -0.67
N PHE A 530 93.87 -10.65 -1.14
CA PHE A 530 94.35 -10.59 -2.51
C PHE A 530 95.69 -11.30 -2.68
N PHE A 531 95.66 -12.22 -3.64
CA PHE A 531 96.42 -13.45 -3.54
C PHE A 531 97.93 -13.28 -3.69
N GLY A 532 98.38 -12.83 -4.87
CA GLY A 532 99.79 -12.94 -5.26
C GLY A 532 100.25 -11.76 -6.08
N LEU A 533 100.45 -10.63 -5.41
CA LEU A 533 100.64 -9.35 -6.06
C LEU A 533 102.12 -9.01 -6.25
N TYR A 534 102.38 -7.89 -6.92
CA TYR A 534 103.74 -7.36 -7.03
C TYR A 534 104.02 -6.45 -5.83
N PRO A 535 105.26 -6.47 -5.32
CA PRO A 535 105.64 -5.59 -4.21
C PRO A 535 105.88 -4.17 -4.70
N GLY A 536 105.89 -3.22 -3.77
CA GLY A 536 106.08 -1.80 -4.09
C GLY A 536 105.00 -1.16 -4.94
N THR A 537 103.95 -1.91 -5.26
CA THR A 537 102.92 -1.49 -6.21
C THR A 537 101.72 -0.93 -5.46
N THR A 538 100.91 -0.11 -6.12
CA THR A 538 99.66 0.38 -5.52
C THR A 538 98.47 -0.05 -6.37
N TYR A 539 97.52 -0.70 -5.70
CA TYR A 539 96.35 -1.26 -6.35
C TYR A 539 95.12 -0.45 -6.02
N SER A 540 94.30 -0.23 -7.04
CA SER A 540 92.98 0.36 -6.83
C SER A 540 91.97 -0.76 -6.76
N PHE A 541 91.09 -0.70 -5.76
CA PHE A 541 90.03 -1.69 -5.60
C PHE A 541 88.69 -0.99 -5.63
N THR A 542 87.75 -1.56 -6.39
CA THR A 542 86.39 -1.05 -6.44
C THR A 542 85.41 -2.19 -6.17
N ILE A 543 84.69 -2.07 -5.06
CA ILE A 543 83.71 -3.05 -4.62
C ILE A 543 82.33 -2.66 -5.07
N ARG A 544 81.51 -3.64 -5.46
CA ARG A 544 80.08 -3.45 -5.69
C ARG A 544 79.29 -4.56 -5.00
N ALA A 545 78.40 -4.17 -4.08
CA ALA A 545 77.48 -5.11 -3.42
C ALA A 545 76.38 -5.54 -4.37
N SER A 546 75.74 -6.68 -4.07
CA SER A 546 74.65 -7.19 -4.91
C SER A 546 73.53 -7.85 -4.12
N THR A 547 72.35 -7.81 -4.75
CA THR A 547 71.10 -8.32 -4.24
C THR A 547 70.54 -9.23 -5.31
N ALA A 548 69.52 -10.01 -4.98
CA ALA A 548 68.80 -10.85 -5.96
C ALA A 548 68.58 -10.14 -7.30
N LYS A 549 68.20 -8.87 -7.25
CA LYS A 549 67.94 -8.07 -8.45
C LYS A 549 69.17 -7.28 -8.95
N GLY A 550 70.36 -7.68 -8.52
CA GLY A 550 71.60 -7.20 -9.16
C GLY A 550 72.44 -6.20 -8.39
N PHE A 551 73.44 -5.66 -9.07
CA PHE A 551 74.48 -4.88 -8.42
C PHE A 551 74.08 -3.45 -8.11
N GLY A 552 74.33 -3.04 -6.87
CA GLY A 552 74.24 -1.65 -6.46
C GLY A 552 75.50 -0.90 -6.89
N PRO A 553 75.67 0.32 -6.38
CA PRO A 553 76.76 1.19 -6.84
C PRO A 553 78.09 0.90 -6.13
N PRO A 554 79.20 1.49 -6.64
CA PRO A 554 80.53 1.12 -6.20
C PRO A 554 81.17 2.06 -5.20
N ALA A 555 81.71 1.51 -4.12
CA ALA A 555 82.73 2.20 -3.33
C ALA A 555 84.07 1.80 -3.92
N THR A 556 85.11 2.54 -3.58
CA THR A 556 86.42 2.28 -4.16
C THR A 556 87.55 2.94 -3.37
N ASN A 557 88.70 2.29 -3.39
CA ASN A 557 89.85 2.74 -2.64
C ASN A 557 91.11 2.06 -3.15
N GLN A 558 92.27 2.60 -2.76
CA GLN A 558 93.57 2.06 -3.15
C GLN A 558 94.47 1.80 -1.97
N PHE A 559 95.27 0.76 -2.09
CA PHE A 559 96.30 0.45 -1.11
C PHE A 559 97.53 0.03 -1.85
N THR A 560 98.67 0.19 -1.20
CA THR A 560 99.94 -0.10 -1.82
C THR A 560 100.74 -1.08 -1.01
N THR A 561 101.24 -2.11 -1.70
CA THR A 561 102.03 -3.16 -1.09
C THR A 561 103.34 -2.64 -0.50
N LYS A 562 103.85 -3.41 0.46
CA LYS A 562 105.15 -3.16 1.06
C LYS A 562 106.27 -3.35 0.04
N ILE A 563 107.47 -2.89 0.39
CA ILE A 563 108.71 -3.27 -0.30
C ILE A 563 109.65 -3.84 0.76
N SER A 564 110.78 -4.37 0.32
CA SER A 564 111.84 -4.82 1.24
C SER A 564 113.17 -5.01 0.53
N ALA A 565 114.25 -4.99 1.30
CA ALA A 565 115.56 -5.28 0.74
C ALA A 565 115.45 -6.55 -0.10
N PRO A 566 116.11 -6.57 -1.27
CA PRO A 566 115.98 -7.74 -2.16
C PRO A 566 116.81 -8.87 -1.60
N SER A 567 116.64 -10.09 -2.13
CA SER A 567 117.37 -11.23 -1.57
C SER A 567 117.50 -12.41 -2.52
N MET A 568 118.72 -12.91 -2.75
CA MET A 568 120.00 -12.29 -2.34
C MET A 568 121.14 -12.90 -3.16
#